data_3WZ5
#
_entry.id   3WZ5
#
_cell.length_a   230.328
_cell.length_b   230.328
_cell.length_c   230.328
_cell.angle_alpha   90.00
_cell.angle_beta   90.00
_cell.angle_gamma   90.00
#
_symmetry.space_group_name_H-M   'I 4 3 2'
#
_entity_poly.entity_id   1
_entity_poly.type   'polypeptide(L)'
_entity_poly.pdbx_seq_one_letter_code
;GSH(MSE)QSDSAVLQWANQAAIAAFTYNFVNYRDELQASSGFFTAEGWDQFLGALEQSNNLDAVKAKKLVVSAVATRAP
IILQKGVLNGRYSWRVQ(MSE)PILVTYQSASEFTQQNNVVT(MSE)LITRVSTLNSPRGIGISQFVVGPASGGVS
;
_entity_poly.pdbx_strand_id   A,B,C,D
#
# COMPACT_ATOMS: atom_id res chain seq x y z
N GLN A 5 31.66 -0.01 1.50
CA GLN A 5 31.41 0.98 0.45
C GLN A 5 32.55 1.06 -0.57
N SER A 6 32.44 0.29 -1.63
CA SER A 6 33.44 0.33 -2.69
C SER A 6 33.37 1.66 -3.45
N ASP A 7 34.46 2.04 -4.10
CA ASP A 7 34.45 3.18 -5.00
C ASP A 7 33.53 2.89 -6.17
N SER A 8 33.56 1.64 -6.65
CA SER A 8 32.68 1.22 -7.73
C SER A 8 31.23 1.10 -7.26
N ALA A 9 31.05 0.71 -6.00
CA ALA A 9 29.72 0.66 -5.40
C ALA A 9 29.09 2.04 -5.42
N VAL A 10 29.86 3.05 -5.02
CA VAL A 10 29.39 4.43 -5.01
C VAL A 10 29.15 4.95 -6.43
N LEU A 11 30.06 4.63 -7.33
CA LEU A 11 29.95 5.08 -8.71
C LEU A 11 28.63 4.65 -9.35
N GLN A 12 28.30 3.37 -9.23
CA GLN A 12 27.08 2.85 -9.82
C GLN A 12 25.85 3.40 -9.11
N TRP A 13 25.88 3.35 -7.79
CA TRP A 13 24.82 3.94 -6.98
C TRP A 13 24.58 5.38 -7.40
N ALA A 14 25.64 6.05 -7.83
CA ALA A 14 25.55 7.44 -8.29
C ALA A 14 25.05 7.49 -9.71
N ASN A 15 25.26 6.40 -10.44
CA ASN A 15 24.81 6.31 -11.82
C ASN A 15 23.29 6.19 -11.87
N GLN A 16 22.73 5.27 -11.08
CA GLN A 16 21.28 5.12 -11.01
C GLN A 16 20.66 6.43 -10.57
N ALA A 17 21.21 6.99 -9.50
CA ALA A 17 20.72 8.23 -8.92
C ALA A 17 20.49 9.32 -9.98
N ALA A 18 21.51 9.60 -10.78
CA ALA A 18 21.39 10.65 -11.79
C ALA A 18 20.28 10.33 -12.79
N ILE A 19 20.38 9.17 -13.42
CA ILE A 19 19.41 8.77 -14.43
C ILE A 19 17.96 8.78 -13.92
N ALA A 20 17.77 8.35 -12.68
CA ALA A 20 16.44 8.35 -12.06
C ALA A 20 15.83 9.74 -12.05
N ALA A 21 16.65 10.74 -11.73
CA ALA A 21 16.22 12.13 -11.62
C ALA A 21 15.72 12.66 -12.95
N PHE A 22 16.11 12.01 -14.03
CA PHE A 22 15.68 12.42 -15.36
C PHE A 22 14.84 11.32 -16.00
N THR A 23 14.13 10.57 -15.18
CA THR A 23 13.20 9.58 -15.68
C THR A 23 11.84 9.79 -15.02
N TYR A 24 10.96 10.48 -15.74
CA TYR A 24 9.62 10.81 -15.27
C TYR A 24 8.84 11.45 -16.42
N ASN A 25 7.53 11.57 -16.25
CA ASN A 25 6.68 12.23 -17.25
C ASN A 25 5.71 13.21 -16.60
N PHE A 26 4.80 13.75 -17.39
CA PHE A 26 3.82 14.71 -16.87
C PHE A 26 2.73 14.01 -16.08
N VAL A 27 2.72 12.67 -16.15
CA VAL A 27 1.67 11.88 -15.52
C VAL A 27 2.06 11.35 -14.14
N ASN A 28 3.34 11.11 -13.93
CA ASN A 28 3.80 10.44 -12.72
C ASN A 28 4.90 11.16 -11.97
N TYR A 29 5.28 12.34 -12.44
CA TYR A 29 6.41 13.08 -11.87
C TYR A 29 6.44 13.09 -10.34
N ARG A 30 5.27 13.06 -9.70
CA ARG A 30 5.23 13.09 -8.23
C ARG A 30 5.71 11.80 -7.59
N ASP A 31 5.36 10.65 -8.17
CA ASP A 31 5.82 9.36 -7.64
C ASP A 31 7.31 9.22 -7.84
N GLU A 32 7.76 9.44 -9.09
CA GLU A 32 9.17 9.39 -9.45
C GLU A 32 10.03 10.31 -8.58
N LEU A 33 9.67 11.59 -8.52
CA LEU A 33 10.28 12.52 -7.58
C LEU A 33 10.43 11.92 -6.17
N GLN A 34 9.30 11.69 -5.50
CA GLN A 34 9.34 11.21 -4.13
CA GLN A 34 9.27 11.15 -4.13
C GLN A 34 10.11 9.89 -3.98
N ALA A 35 10.04 9.03 -4.99
CA ALA A 35 10.73 7.73 -4.96
C ALA A 35 12.23 7.89 -4.76
N SER A 36 12.85 8.78 -5.53
CA SER A 36 14.30 8.94 -5.49
C SER A 36 14.81 9.75 -4.30
N SER A 37 13.99 9.90 -3.27
CA SER A 37 14.39 10.67 -2.09
C SER A 37 15.34 9.87 -1.18
N GLY A 38 15.28 8.55 -1.27
CA GLY A 38 16.18 7.71 -0.49
C GLY A 38 17.62 7.91 -0.93
N PHE A 39 17.79 8.23 -2.20
CA PHE A 39 19.10 8.52 -2.77
C PHE A 39 19.79 9.69 -2.06
N PHE A 40 19.01 10.54 -1.41
CA PHE A 40 19.56 11.79 -0.89
C PHE A 40 19.69 11.85 0.63
N THR A 41 20.70 12.58 1.08
CA THR A 41 20.86 12.85 2.51
C THR A 41 19.82 13.84 2.96
N ALA A 42 19.80 14.10 4.27
CA ALA A 42 18.81 15.00 4.84
C ALA A 42 18.77 16.34 4.11
N GLU A 43 19.94 16.95 3.92
CA GLU A 43 20.03 18.26 3.26
C GLU A 43 20.16 18.15 1.75
N GLY A 44 20.79 17.07 1.28
CA GLY A 44 20.91 16.85 -0.14
C GLY A 44 19.55 16.81 -0.79
N TRP A 45 18.55 16.37 -0.02
CA TRP A 45 17.17 16.31 -0.49
C TRP A 45 16.57 17.70 -0.55
N ASP A 46 16.85 18.51 0.48
CA ASP A 46 16.41 19.90 0.47
C ASP A 46 17.05 20.61 -0.71
N GLN A 47 18.35 20.38 -0.90
CA GLN A 47 19.09 20.99 -1.99
C GLN A 47 18.50 20.59 -3.34
N PHE A 48 18.21 19.30 -3.48
CA PHE A 48 17.70 18.76 -4.74
C PHE A 48 16.36 19.35 -5.09
N LEU A 49 15.50 19.51 -4.08
CA LEU A 49 14.18 20.12 -4.29
C LEU A 49 14.34 21.58 -4.71
N GLY A 50 15.08 22.35 -3.92
CA GLY A 50 15.31 23.74 -4.22
C GLY A 50 15.83 23.98 -5.63
N ALA A 51 16.66 23.05 -6.10
CA ALA A 51 17.20 23.13 -7.46
C ALA A 51 16.10 22.85 -8.48
N LEU A 52 15.25 21.87 -8.18
CA LEU A 52 14.12 21.55 -9.02
C LEU A 52 13.23 22.77 -9.18
N GLU A 53 12.83 23.35 -8.05
CA GLU A 53 11.99 24.53 -8.03
C GLU A 53 12.54 25.64 -8.94
N GLN A 54 13.82 25.93 -8.81
CA GLN A 54 14.44 27.01 -9.57
C GLN A 54 14.42 26.71 -11.06
N SER A 55 14.70 25.47 -11.44
CA SER A 55 14.59 25.06 -12.83
C SER A 55 13.12 25.02 -13.23
N ASN A 56 12.86 25.11 -14.52
CA ASN A 56 11.50 25.09 -15.01
C ASN A 56 11.13 23.73 -15.58
N ASN A 57 12.17 22.99 -15.99
CA ASN A 57 12.00 21.65 -16.57
C ASN A 57 10.69 20.98 -16.18
N LEU A 58 10.38 20.98 -14.88
CA LEU A 58 9.17 20.35 -14.37
C LEU A 58 7.92 21.00 -14.98
N ASP A 59 7.82 22.31 -14.85
CA ASP A 59 6.70 23.08 -15.41
C ASP A 59 6.59 22.85 -16.91
N ALA A 60 7.73 22.69 -17.57
CA ALA A 60 7.76 22.43 -19.00
C ALA A 60 7.10 21.10 -19.31
N VAL A 61 7.54 20.06 -18.61
CA VAL A 61 7.00 18.72 -18.80
C VAL A 61 5.49 18.69 -18.51
N LYS A 62 5.08 19.32 -17.42
CA LYS A 62 3.66 19.37 -17.06
C LYS A 62 2.85 20.10 -18.12
N ALA A 63 3.36 21.26 -18.54
CA ALA A 63 2.70 22.09 -19.55
C ALA A 63 2.60 21.38 -20.91
N LYS A 64 3.74 21.03 -21.48
CA LYS A 64 3.78 20.43 -22.80
C LYS A 64 3.58 18.92 -22.77
N LYS A 65 3.20 18.40 -21.59
CA LYS A 65 2.95 16.97 -21.39
C LYS A 65 4.01 16.07 -22.04
N LEU A 66 5.22 16.09 -21.47
CA LEU A 66 6.37 15.38 -22.03
C LEU A 66 6.75 14.15 -21.22
N VAL A 67 7.55 13.29 -21.83
CA VAL A 67 8.12 12.15 -21.12
C VAL A 67 9.65 12.22 -21.12
N VAL A 68 10.21 12.60 -19.99
CA VAL A 68 11.66 12.72 -19.84
C VAL A 68 12.33 11.36 -19.65
N SER A 69 13.54 11.24 -20.18
CA SER A 69 14.37 10.04 -20.06
C SER A 69 15.81 10.43 -20.32
N ALA A 70 16.75 9.73 -19.71
CA ALA A 70 18.17 10.05 -19.89
C ALA A 70 19.04 8.81 -20.00
N VAL A 71 20.25 8.99 -20.52
CA VAL A 71 21.24 7.91 -20.65
C VAL A 71 22.65 8.44 -20.45
N ALA A 72 23.52 7.61 -19.88
CA ALA A 72 24.87 8.04 -19.57
C ALA A 72 25.73 8.21 -20.84
N THR A 73 26.12 9.45 -21.11
CA THR A 73 27.04 9.74 -22.21
C THR A 73 28.39 9.01 -22.05
N ARG A 74 29.03 9.21 -20.90
CA ARG A 74 30.27 8.52 -20.59
C ARG A 74 30.19 7.81 -19.24
N ALA A 75 31.28 7.16 -18.83
CA ALA A 75 31.31 6.49 -17.54
C ALA A 75 31.50 7.52 -16.44
N PRO A 76 30.91 7.28 -15.26
CA PRO A 76 31.03 8.19 -14.13
C PRO A 76 32.44 8.14 -13.53
N ILE A 77 32.99 9.28 -13.14
CA ILE A 77 34.30 9.34 -12.48
C ILE A 77 34.26 9.97 -11.09
N ILE A 78 35.29 9.71 -10.30
CA ILE A 78 35.44 10.33 -8.99
C ILE A 78 36.49 11.43 -9.04
N LEU A 79 36.05 12.68 -9.19
CA LEU A 79 36.94 13.83 -9.27
C LEU A 79 37.90 13.91 -8.07
N GLN A 80 37.34 13.64 -6.89
CA GLN A 80 38.09 13.74 -5.64
C GLN A 80 37.36 12.91 -4.60
N LYS A 81 38.09 12.41 -3.61
CA LYS A 81 37.45 11.66 -2.53
C LYS A 81 38.22 11.81 -1.22
N GLY A 82 37.54 11.58 -0.10
CA GLY A 82 38.13 11.70 1.21
C GLY A 82 37.21 12.39 2.20
N VAL A 83 37.73 12.67 3.40
CA VAL A 83 36.94 13.30 4.46
C VAL A 83 36.61 14.77 4.20
N LEU A 84 35.33 15.09 4.20
CA LEU A 84 34.87 16.47 4.17
C LEU A 84 33.92 16.66 5.34
N ASN A 85 34.28 17.56 6.26
CA ASN A 85 33.53 17.71 7.50
C ASN A 85 33.23 16.36 8.14
N GLY A 86 34.27 15.71 8.66
CA GLY A 86 34.12 14.50 9.44
C GLY A 86 33.32 13.40 8.77
N ARG A 87 33.00 13.60 7.49
CA ARG A 87 32.29 12.59 6.71
C ARG A 87 32.97 12.31 5.37
N TYR A 88 33.35 11.05 5.18
CA TYR A 88 34.02 10.63 3.95
C TYR A 88 33.10 10.88 2.75
N SER A 89 33.61 11.60 1.77
CA SER A 89 32.79 11.99 0.62
C SER A 89 33.40 11.57 -0.72
N TRP A 90 32.55 11.44 -1.72
CA TRP A 90 32.98 11.20 -3.08
C TRP A 90 32.33 12.26 -3.95
N ARG A 91 33.11 12.99 -4.73
CA ARG A 91 32.51 13.89 -5.70
C ARG A 91 32.48 13.21 -7.06
N VAL A 92 31.34 12.61 -7.39
CA VAL A 92 31.18 11.87 -8.64
C VAL A 92 30.62 12.76 -9.74
N GLN A 93 31.12 12.57 -10.96
CA GLN A 93 30.63 13.32 -12.10
C GLN A 93 30.36 12.42 -13.29
N PRO A 95 28.30 12.65 -17.44
CA PRO A 95 27.48 13.32 -18.46
C PRO A 95 26.27 12.46 -18.82
N ILE A 96 25.18 13.12 -19.20
CA ILE A 96 23.97 12.40 -19.62
C ILE A 96 23.31 13.09 -20.80
N LEU A 97 22.55 12.32 -21.56
CA LEU A 97 21.73 12.87 -22.63
C LEU A 97 20.25 12.79 -22.26
N VAL A 98 19.68 13.93 -21.90
CA VAL A 98 18.27 14.03 -21.53
C VAL A 98 17.41 14.22 -22.77
N THR A 99 16.27 13.54 -22.80
CA THR A 99 15.39 13.53 -23.97
C THR A 99 13.96 13.89 -23.59
N TYR A 100 13.66 15.19 -23.60
CA TYR A 100 12.30 15.66 -23.37
C TYR A 100 11.47 15.54 -24.65
N GLN A 101 10.61 14.52 -24.72
CA GLN A 101 9.85 14.29 -25.93
C GLN A 101 8.36 14.12 -25.67
N SER A 102 7.56 14.30 -26.71
CA SER A 102 6.13 14.01 -26.69
C SER A 102 5.67 13.59 -28.09
N ALA A 103 4.37 13.57 -28.29
CA ALA A 103 3.82 13.25 -29.60
C ALA A 103 4.15 14.36 -30.61
N SER A 104 4.28 15.59 -30.09
CA SER A 104 4.55 16.75 -30.93
C SER A 104 6.00 17.23 -30.85
N GLU A 105 6.61 17.07 -29.68
CA GLU A 105 7.96 17.59 -29.44
C GLU A 105 9.04 16.53 -29.47
N PHE A 106 10.27 16.99 -29.29
CA PHE A 106 11.43 16.10 -29.15
C PHE A 106 12.69 16.91 -29.00
N THR A 107 13.05 17.19 -27.76
CA THR A 107 14.24 17.96 -27.43
C THR A 107 15.29 17.05 -26.80
N GLN A 108 16.56 17.46 -26.87
CA GLN A 108 17.62 16.75 -26.18
C GLN A 108 18.63 17.74 -25.61
N GLN A 109 19.16 17.41 -24.44
CA GLN A 109 20.16 18.25 -23.81
C GLN A 109 21.36 17.42 -23.40
N ASN A 110 22.53 18.01 -23.49
CA ASN A 110 23.75 17.36 -23.00
C ASN A 110 24.15 17.96 -21.67
N ASN A 111 23.95 17.19 -20.60
CA ASN A 111 24.18 17.69 -19.26
C ASN A 111 25.29 16.97 -18.49
N VAL A 112 25.92 17.70 -17.57
CA VAL A 112 26.92 17.12 -16.69
C VAL A 112 26.45 17.18 -15.24
N VAL A 113 26.04 16.03 -14.72
CA VAL A 113 25.59 15.93 -13.34
C VAL A 113 26.76 15.70 -12.40
N THR A 114 26.85 16.52 -11.36
CA THR A 114 27.91 16.38 -10.37
C THR A 114 27.33 16.21 -8.97
N LEU A 116 27.75 15.23 -4.77
CA LEU A 116 28.58 15.02 -3.60
C LEU A 116 27.92 13.95 -2.75
N ILE A 117 28.50 12.76 -2.78
CA ILE A 117 27.97 11.65 -2.00
C ILE A 117 28.76 11.50 -0.73
N THR A 118 28.06 11.35 0.40
CA THR A 118 28.71 11.23 1.69
C THR A 118 28.19 10.03 2.46
N ARG A 119 28.87 9.68 3.54
CA ARG A 119 28.47 8.54 4.35
C ARG A 119 27.42 8.97 5.35
N VAL A 120 26.47 8.08 5.60
CA VAL A 120 25.38 8.35 6.53
C VAL A 120 24.95 7.08 7.25
N SER A 121 24.35 7.24 8.42
CA SER A 121 23.89 6.10 9.22
C SER A 121 22.91 5.22 8.44
N THR A 122 23.05 3.91 8.60
CA THR A 122 22.22 2.93 7.91
C THR A 122 20.85 2.77 8.58
N LEU A 123 20.61 3.58 9.62
CA LEU A 123 19.35 3.58 10.35
C LEU A 123 18.32 4.47 9.64
N ASN A 124 18.80 5.27 8.69
CA ASN A 124 17.96 6.19 7.94
C ASN A 124 18.07 5.94 6.44
N SER A 125 19.18 5.33 6.05
CA SER A 125 19.43 5.05 4.64
C SER A 125 20.17 3.72 4.52
N PRO A 126 19.40 2.61 4.53
CA PRO A 126 19.89 1.23 4.50
C PRO A 126 21.11 0.99 3.61
N ARG A 127 21.33 1.84 2.62
CA ARG A 127 22.50 1.72 1.75
C ARG A 127 23.78 2.11 2.50
N GLY A 128 23.75 3.25 3.19
CA GLY A 128 24.88 3.72 3.96
C GLY A 128 25.39 5.06 3.47
N ILE A 129 25.14 5.37 2.20
CA ILE A 129 25.57 6.62 1.60
C ILE A 129 24.39 7.44 1.07
N GLY A 130 24.63 8.72 0.82
CA GLY A 130 23.59 9.60 0.33
C GLY A 130 24.14 10.76 -0.46
N ILE A 131 23.34 11.25 -1.40
CA ILE A 131 23.68 12.41 -2.20
C ILE A 131 23.49 13.68 -1.39
N SER A 132 24.58 14.34 -1.03
CA SER A 132 24.50 15.55 -0.23
C SER A 132 24.32 16.78 -1.09
N GLN A 133 24.55 16.62 -2.39
CA GLN A 133 24.50 17.74 -3.31
C GLN A 133 24.40 17.26 -4.75
N PHE A 134 23.35 17.71 -5.43
CA PHE A 134 23.08 17.30 -6.81
C PHE A 134 23.09 18.55 -7.67
N VAL A 135 24.00 18.59 -8.64
CA VAL A 135 24.24 19.81 -9.41
C VAL A 135 24.37 19.56 -10.91
N VAL A 136 23.46 20.15 -11.69
CA VAL A 136 23.47 19.94 -13.12
C VAL A 136 24.01 21.15 -13.88
N GLY A 137 24.76 20.88 -14.95
CA GLY A 137 25.27 21.91 -15.84
C GLY A 137 25.23 21.42 -17.28
N PRO A 138 25.56 22.30 -18.23
CA PRO A 138 25.56 21.94 -19.65
C PRO A 138 26.93 21.45 -20.16
N ALA A 139 26.95 20.87 -21.36
CA ALA A 139 28.18 20.42 -22.03
C ALA A 139 29.25 19.90 -21.07
N GLN B 5 15.27 1.92 8.37
CA GLN B 5 14.09 2.76 8.16
C GLN B 5 14.23 3.69 6.96
N SER B 6 14.05 3.14 5.76
CA SER B 6 14.18 3.91 4.53
C SER B 6 13.06 4.93 4.40
N ASP B 7 13.16 5.80 3.38
CA ASP B 7 12.12 6.78 3.13
C ASP B 7 10.83 6.11 2.66
N SER B 8 10.93 5.24 1.66
CA SER B 8 9.76 4.59 1.08
C SER B 8 8.99 3.78 2.12
N ALA B 9 9.68 3.40 3.19
CA ALA B 9 9.05 2.71 4.31
C ALA B 9 8.19 3.68 5.13
N VAL B 10 8.77 4.84 5.45
CA VAL B 10 8.06 5.83 6.25
C VAL B 10 6.88 6.43 5.49
N LEU B 11 7.06 6.64 4.19
CA LEU B 11 5.99 7.15 3.33
C LEU B 11 4.76 6.24 3.33
N GLN B 12 4.99 4.94 3.22
CA GLN B 12 3.93 3.94 3.26
C GLN B 12 3.34 3.87 4.67
N TRP B 13 4.21 3.91 5.67
CA TRP B 13 3.78 3.83 7.06
C TRP B 13 2.94 5.04 7.45
N ALA B 14 3.17 6.16 6.77
CA ALA B 14 2.43 7.39 7.05
C ALA B 14 1.14 7.36 6.26
N ASN B 15 1.24 6.98 4.99
CA ASN B 15 0.09 6.78 4.13
C ASN B 15 -0.99 5.99 4.89
N GLN B 16 -0.56 4.93 5.57
CA GLN B 16 -1.50 4.09 6.31
C GLN B 16 -2.08 4.81 7.51
N ALA B 17 -1.22 5.43 8.30
CA ALA B 17 -1.67 6.12 9.50
C ALA B 17 -2.70 7.19 9.18
N ALA B 18 -2.55 7.84 8.04
CA ALA B 18 -3.45 8.93 7.65
C ALA B 18 -4.84 8.41 7.35
N ILE B 19 -4.91 7.39 6.50
CA ILE B 19 -6.18 6.77 6.16
C ILE B 19 -6.84 6.16 7.39
N ALA B 20 -6.05 5.56 8.27
CA ALA B 20 -6.58 4.96 9.48
C ALA B 20 -7.39 5.97 10.29
N ALA B 21 -6.87 7.20 10.39
CA ALA B 21 -7.47 8.25 11.21
C ALA B 21 -8.80 8.75 10.66
N PHE B 22 -9.11 8.39 9.41
CA PHE B 22 -10.38 8.74 8.78
C PHE B 22 -11.12 7.48 8.37
N THR B 23 -10.90 6.41 9.13
CA THR B 23 -11.64 5.18 8.89
C THR B 23 -12.29 4.72 10.18
N TYR B 24 -13.47 5.27 10.44
CA TYR B 24 -14.27 4.91 11.60
C TYR B 24 -15.73 5.27 11.36
N ASN B 25 -16.58 4.98 12.34
CA ASN B 25 -17.99 5.34 12.25
C ASN B 25 -18.57 5.63 13.63
N PHE B 26 -19.89 5.80 13.69
CA PHE B 26 -20.54 6.20 14.94
C PHE B 26 -20.62 5.05 15.94
N VAL B 27 -20.31 3.84 15.47
CA VAL B 27 -20.41 2.65 16.32
C VAL B 27 -19.08 2.26 16.95
N ASN B 28 -18.00 2.35 16.19
CA ASN B 28 -16.71 1.82 16.63
C ASN B 28 -15.62 2.87 16.75
N TYR B 29 -16.00 4.13 16.99
CA TYR B 29 -14.99 5.18 17.05
C TYR B 29 -13.98 4.93 18.16
N ARG B 30 -14.45 4.52 19.33
CA ARG B 30 -13.57 4.34 20.47
C ARG B 30 -12.48 3.30 20.21
N ASP B 31 -12.88 2.13 19.70
CA ASP B 31 -11.90 1.09 19.35
C ASP B 31 -10.92 1.62 18.33
N GLU B 32 -11.44 2.01 17.17
CA GLU B 32 -10.64 2.57 16.08
C GLU B 32 -9.65 3.62 16.56
N LEU B 33 -10.18 4.70 17.13
CA LEU B 33 -9.37 5.74 17.74
C LEU B 33 -8.23 5.16 18.58
N GLN B 34 -8.59 4.30 19.53
CA GLN B 34 -7.61 3.76 20.46
CA GLN B 34 -7.65 3.69 20.48
C GLN B 34 -6.63 2.80 19.79
N ALA B 35 -7.09 2.10 18.77
CA ALA B 35 -6.25 1.13 18.07
C ALA B 35 -5.03 1.79 17.43
N SER B 36 -5.20 3.03 16.97
CA SER B 36 -4.12 3.71 16.26
C SER B 36 -3.22 4.56 17.15
N SER B 37 -3.35 4.41 18.47
CA SER B 37 -2.48 5.13 19.39
C SER B 37 -1.03 4.67 19.28
N GLY B 38 -0.81 3.57 18.57
CA GLY B 38 0.54 3.05 18.41
C GLY B 38 1.32 3.84 17.39
N PHE B 39 0.60 4.49 16.48
CA PHE B 39 1.23 5.31 15.43
C PHE B 39 1.86 6.59 15.97
N PHE B 40 1.43 7.02 17.16
CA PHE B 40 1.85 8.31 17.66
C PHE B 40 2.89 8.26 18.77
N THR B 41 3.80 9.22 18.77
CA THR B 41 4.71 9.42 19.88
C THR B 41 3.90 9.87 21.09
N ALA B 42 4.58 10.03 22.21
CA ALA B 42 3.93 10.37 23.48
C ALA B 42 3.08 11.63 23.38
N GLU B 43 3.67 12.71 22.86
CA GLU B 43 2.97 13.98 22.75
C GLU B 43 2.23 14.08 21.44
N GLY B 44 2.73 13.39 20.41
CA GLY B 44 2.06 13.36 19.13
C GLY B 44 0.65 12.85 19.29
N TRP B 45 0.49 11.94 20.24
CA TRP B 45 -0.81 11.39 20.59
C TRP B 45 -1.68 12.44 21.28
N ASP B 46 -1.07 13.21 22.18
CA ASP B 46 -1.80 14.30 22.82
C ASP B 46 -2.25 15.30 21.76
N GLN B 47 -1.32 15.66 20.88
CA GLN B 47 -1.56 16.61 19.80
C GLN B 47 -2.72 16.17 18.91
N PHE B 48 -2.80 14.86 18.69
CA PHE B 48 -3.82 14.30 17.82
C PHE B 48 -5.19 14.29 18.50
N LEU B 49 -5.25 13.78 19.72
CA LEU B 49 -6.48 13.79 20.49
C LEU B 49 -6.95 15.22 20.64
N GLY B 50 -5.99 16.14 20.75
CA GLY B 50 -6.29 17.55 20.86
C GLY B 50 -7.00 18.06 19.63
N ALA B 51 -6.45 17.76 18.46
CA ALA B 51 -7.04 18.18 17.19
C ALA B 51 -8.44 17.59 17.02
N LEU B 52 -8.59 16.32 17.36
CA LEU B 52 -9.87 15.63 17.25
C LEU B 52 -10.94 16.36 18.06
N GLU B 53 -10.62 16.61 19.33
CA GLU B 53 -11.47 17.40 20.20
C GLU B 53 -11.83 18.74 19.56
N GLN B 54 -10.83 19.43 19.02
CA GLN B 54 -11.02 20.75 18.43
C GLN B 54 -12.05 20.72 17.32
N SER B 55 -11.73 20.01 16.23
CA SER B 55 -12.73 19.75 15.21
C SER B 55 -13.90 19.08 15.89
N ASN B 56 -15.08 19.19 15.33
CA ASN B 56 -16.23 18.54 15.91
C ASN B 56 -16.45 17.19 15.26
N ASN B 57 -15.48 16.77 14.44
CA ASN B 57 -15.61 15.55 13.65
C ASN B 57 -16.17 14.37 14.43
N LEU B 58 -15.61 14.10 15.60
CA LEU B 58 -16.09 12.99 16.40
C LEU B 58 -17.53 13.22 16.85
N ASP B 59 -17.85 14.45 17.23
CA ASP B 59 -19.22 14.81 17.62
C ASP B 59 -20.15 14.66 16.42
N ALA B 60 -19.69 15.15 15.27
CA ALA B 60 -20.44 15.10 14.03
C ALA B 60 -20.82 13.67 13.69
N VAL B 61 -19.82 12.81 13.55
CA VAL B 61 -20.06 11.43 13.20
C VAL B 61 -21.03 10.77 14.16
N LYS B 62 -20.87 11.04 15.45
CA LYS B 62 -21.74 10.43 16.47
C LYS B 62 -23.20 10.87 16.34
N ALA B 63 -23.41 12.17 16.20
CA ALA B 63 -24.76 12.73 16.15
C ALA B 63 -25.51 12.35 14.88
N LYS B 64 -24.88 12.58 13.73
CA LYS B 64 -25.49 12.29 12.44
C LYS B 64 -25.35 10.81 12.07
N LYS B 65 -24.81 10.02 12.99
CA LYS B 65 -24.54 8.60 12.75
C LYS B 65 -23.93 8.32 11.37
N LEU B 66 -22.71 8.80 11.16
CA LEU B 66 -22.04 8.72 9.87
C LEU B 66 -20.98 7.63 9.86
N VAL B 67 -20.58 7.24 8.65
CA VAL B 67 -19.46 6.31 8.46
C VAL B 67 -18.36 7.00 7.68
N VAL B 68 -17.24 7.28 8.35
CA VAL B 68 -16.11 7.93 7.69
C VAL B 68 -15.17 6.95 6.98
N SER B 69 -14.64 7.39 5.85
CA SER B 69 -13.69 6.62 5.07
C SER B 69 -12.84 7.59 4.25
N ALA B 70 -11.67 7.16 3.82
CA ALA B 70 -10.80 8.04 3.04
C ALA B 70 -9.86 7.29 2.10
N VAL B 71 -9.40 8.00 1.07
CA VAL B 71 -8.42 7.49 0.12
C VAL B 71 -7.44 8.60 -0.27
N ALA B 72 -6.20 8.23 -0.58
CA ALA B 72 -5.23 9.21 -1.04
C ALA B 72 -5.55 9.58 -2.49
N THR B 73 -5.40 10.85 -2.81
CA THR B 73 -5.67 11.31 -4.16
C THR B 73 -4.35 11.53 -4.90
N ARG B 74 -3.28 11.73 -4.14
CA ARG B 74 -1.91 11.76 -4.68
C ARG B 74 -0.97 11.04 -3.72
N ALA B 75 0.21 10.67 -4.19
CA ALA B 75 1.15 9.91 -3.37
C ALA B 75 1.77 10.79 -2.29
N PRO B 76 2.07 10.19 -1.13
CA PRO B 76 2.70 10.90 -0.01
C PRO B 76 4.11 11.36 -0.34
N ILE B 77 4.47 12.57 0.06
CA ILE B 77 5.80 13.12 -0.20
C ILE B 77 6.51 13.55 1.06
N ILE B 78 7.84 13.64 0.98
CA ILE B 78 8.64 14.10 2.10
C ILE B 78 9.04 15.55 1.87
N LEU B 79 8.25 16.47 2.42
CA LEU B 79 8.53 17.89 2.27
C LEU B 79 9.95 18.18 2.71
N GLN B 80 10.36 17.54 3.80
CA GLN B 80 11.68 17.77 4.36
C GLN B 80 12.02 16.66 5.34
N LYS B 81 13.28 16.23 5.34
CA LYS B 81 13.72 15.23 6.29
C LYS B 81 15.05 15.64 6.90
N GLY B 82 15.40 15.01 8.02
CA GLY B 82 16.60 15.34 8.73
C GLY B 82 16.34 15.47 10.22
N VAL B 83 17.41 15.69 10.99
CA VAL B 83 17.31 15.75 12.44
C VAL B 83 16.63 17.01 12.96
N LEU B 84 15.55 16.82 13.70
CA LEU B 84 14.93 17.89 14.46
C LEU B 84 14.91 17.50 15.93
N ASN B 85 15.65 18.24 16.75
CA ASN B 85 15.79 17.93 18.17
C ASN B 85 16.23 16.49 18.40
N GLY B 86 17.48 16.20 18.05
CA GLY B 86 18.11 14.91 18.35
C GLY B 86 17.39 13.69 17.80
N ARG B 87 16.37 13.91 16.98
CA ARG B 87 15.63 12.81 16.38
C ARG B 87 15.42 13.05 14.88
N TYR B 88 15.90 12.10 14.08
CA TYR B 88 15.76 12.20 12.64
C TYR B 88 14.28 12.13 12.29
N SER B 89 13.79 13.15 11.59
CA SER B 89 12.37 13.27 11.35
C SER B 89 12.01 13.31 9.87
N TRP B 90 10.73 13.17 9.58
CA TRP B 90 10.22 13.33 8.23
C TRP B 90 8.97 14.19 8.29
N ARG B 91 8.87 15.18 7.43
CA ARG B 91 7.62 15.91 7.30
C ARG B 91 6.92 15.37 6.08
N VAL B 92 5.94 14.50 6.31
CA VAL B 92 5.22 13.83 5.23
C VAL B 92 3.87 14.49 4.93
N GLN B 93 3.57 14.65 3.65
CA GLN B 93 2.34 15.31 3.24
C GLN B 93 1.63 14.54 2.14
N PRO B 95 -2.40 14.47 0.03
CA PRO B 95 -3.81 14.87 -0.09
C PRO B 95 -4.70 13.64 -0.02
N ILE B 96 -5.80 13.74 0.72
CA ILE B 96 -6.76 12.66 0.80
C ILE B 96 -8.15 13.14 0.45
N LEU B 97 -9.05 12.18 0.29
CA LEU B 97 -10.45 12.45 -0.01
C LEU B 97 -11.32 11.71 1.02
N VAL B 98 -11.75 12.45 2.04
CA VAL B 98 -12.52 11.85 3.12
C VAL B 98 -14.01 11.85 2.80
N THR B 99 -14.70 10.79 3.20
CA THR B 99 -16.13 10.66 2.94
C THR B 99 -16.94 10.31 4.19
N TYR B 100 -17.76 11.26 4.65
CA TYR B 100 -18.70 11.01 5.72
C TYR B 100 -20.06 10.79 5.09
N GLN B 101 -20.77 9.74 5.50
CA GLN B 101 -22.05 9.39 4.90
C GLN B 101 -22.98 8.55 5.79
N SER B 102 -24.26 8.88 5.72
CA SER B 102 -25.31 8.09 6.32
C SER B 102 -26.23 7.71 5.18
N ALA B 103 -27.40 7.18 5.49
CA ALA B 103 -28.37 6.82 4.47
C ALA B 103 -28.99 8.06 3.82
N SER B 104 -28.68 9.23 4.38
CA SER B 104 -29.33 10.48 3.97
C SER B 104 -28.35 11.64 3.81
N GLU B 105 -27.10 11.43 4.20
CA GLU B 105 -26.08 12.49 4.08
C GLU B 105 -24.83 11.99 3.37
N PHE B 106 -24.17 12.88 2.63
CA PHE B 106 -23.00 12.51 1.85
C PHE B 106 -22.02 13.66 1.67
N THR B 107 -21.03 13.70 2.56
CA THR B 107 -19.99 14.72 2.54
C THR B 107 -18.72 14.15 1.92
N GLN B 108 -18.09 14.92 1.04
CA GLN B 108 -16.76 14.57 0.54
C GLN B 108 -15.81 15.73 0.72
N GLN B 109 -14.62 15.44 1.25
CA GLN B 109 -13.66 16.49 1.55
C GLN B 109 -12.32 16.26 0.86
N ASN B 110 -11.77 17.34 0.31
CA ASN B 110 -10.41 17.30 -0.22
C ASN B 110 -9.43 17.92 0.75
N ASN B 111 -8.85 17.08 1.60
CA ASN B 111 -7.98 17.52 2.67
C ASN B 111 -6.50 17.28 2.39
N VAL B 112 -5.64 17.91 3.20
CA VAL B 112 -4.20 17.69 3.14
C VAL B 112 -3.62 17.38 4.51
N VAL B 113 -3.27 16.11 4.73
CA VAL B 113 -2.69 15.68 5.99
C VAL B 113 -1.18 15.87 5.98
N THR B 114 -0.67 16.59 6.98
CA THR B 114 0.77 16.87 7.04
C THR B 114 1.32 16.43 8.39
N LEU B 116 4.20 14.89 11.13
CA LEU B 116 5.61 14.95 11.47
C LEU B 116 6.01 13.65 12.13
N ILE B 117 6.73 12.81 11.39
CA ILE B 117 7.18 11.53 11.92
C ILE B 117 8.62 11.62 12.39
N THR B 118 8.94 10.96 13.51
CA THR B 118 10.29 10.98 14.05
C THR B 118 10.73 9.58 14.51
N ARG B 119 12.05 9.38 14.65
CA ARG B 119 12.58 8.13 15.17
C ARG B 119 12.34 8.04 16.67
N VAL B 120 11.95 6.85 17.13
CA VAL B 120 11.70 6.60 18.55
C VAL B 120 12.11 5.19 18.96
N SER B 121 12.50 5.06 20.23
CA SER B 121 12.84 3.77 20.83
C SER B 121 11.86 2.65 20.44
N THR B 122 12.41 1.51 20.01
CA THR B 122 11.61 0.36 19.62
C THR B 122 11.07 -0.40 20.83
N LEU B 123 11.49 0.04 22.01
CA LEU B 123 11.01 -0.51 23.27
C LEU B 123 9.55 -0.12 23.52
N ASN B 124 9.17 1.08 23.07
CA ASN B 124 7.83 1.60 23.25
C ASN B 124 7.00 1.59 21.98
N SER B 125 7.69 1.58 20.83
CA SER B 125 7.06 1.53 19.52
C SER B 125 7.79 0.52 18.64
N PRO B 126 7.30 -0.73 18.60
CA PRO B 126 7.95 -1.87 17.92
C PRO B 126 8.14 -1.69 16.40
N ARG B 127 8.08 -0.46 15.91
CA ARG B 127 8.32 -0.20 14.49
C ARG B 127 9.46 0.81 14.29
N GLY B 128 9.81 1.53 15.35
CA GLY B 128 10.94 2.43 15.31
C GLY B 128 10.58 3.89 15.11
N ILE B 129 9.35 4.15 14.65
CA ILE B 129 8.91 5.52 14.37
C ILE B 129 7.52 5.83 14.88
N GLY B 130 7.25 7.11 15.13
CA GLY B 130 5.94 7.56 15.56
C GLY B 130 5.60 8.96 15.08
N ILE B 131 4.32 9.19 14.79
CA ILE B 131 3.84 10.52 14.40
C ILE B 131 3.91 11.48 15.59
N SER B 132 4.73 12.52 15.48
CA SER B 132 4.84 13.53 16.53
C SER B 132 3.80 14.64 16.38
N GLN B 133 3.36 14.85 15.15
CA GLN B 133 2.38 15.89 14.87
C GLN B 133 1.49 15.47 13.70
N PHE B 134 0.19 15.68 13.85
CA PHE B 134 -0.77 15.29 12.84
C PHE B 134 -1.68 16.49 12.51
N VAL B 135 -1.53 17.04 11.32
CA VAL B 135 -2.26 18.26 10.96
C VAL B 135 -3.00 18.14 9.63
N VAL B 136 -4.30 18.46 9.67
CA VAL B 136 -5.14 18.35 8.48
C VAL B 136 -5.71 19.70 8.08
N GLY B 137 -5.78 19.95 6.77
CA GLY B 137 -6.36 21.17 6.24
C GLY B 137 -6.95 20.89 4.87
N PRO B 138 -7.61 21.89 4.27
CA PRO B 138 -8.23 21.74 2.95
C PRO B 138 -7.35 22.23 1.79
N ALA B 139 -7.77 21.98 0.55
CA ALA B 139 -7.04 22.49 -0.61
C ALA B 139 -7.84 23.57 -1.35
N GLN C 5 0.91 -23.89 20.88
CA GLN C 5 -0.50 -23.50 20.86
C GLN C 5 -1.24 -24.07 22.05
N SER C 6 -1.48 -23.24 23.07
CA SER C 6 -2.27 -23.68 24.20
C SER C 6 -3.75 -23.63 23.84
N ASP C 7 -4.61 -24.05 24.76
CA ASP C 7 -6.04 -24.00 24.53
C ASP C 7 -6.57 -22.58 24.66
N SER C 8 -6.13 -21.87 25.71
CA SER C 8 -6.51 -20.49 25.92
C SER C 8 -5.90 -19.60 24.85
N ALA C 9 -4.92 -20.13 24.14
CA ALA C 9 -4.38 -19.46 22.97
C ALA C 9 -5.42 -19.51 21.85
N VAL C 10 -5.83 -20.73 21.51
CA VAL C 10 -6.82 -20.97 20.46
C VAL C 10 -8.17 -20.32 20.81
N LEU C 11 -8.57 -20.42 22.07
CA LEU C 11 -9.82 -19.82 22.53
C LEU C 11 -9.92 -18.33 22.26
N GLN C 12 -8.92 -17.57 22.70
CA GLN C 12 -8.92 -16.12 22.50
C GLN C 12 -8.72 -15.73 21.04
N TRP C 13 -7.91 -16.50 20.31
CA TRP C 13 -7.74 -16.27 18.88
C TRP C 13 -9.07 -16.47 18.14
N ALA C 14 -9.82 -17.48 18.57
CA ALA C 14 -11.11 -17.80 17.97
C ALA C 14 -12.15 -16.74 18.32
N ASN C 15 -12.10 -16.24 19.56
CA ASN C 15 -12.99 -15.19 20.00
C ASN C 15 -12.86 -13.98 19.07
N GLN C 16 -11.64 -13.67 18.66
CA GLN C 16 -11.38 -12.53 17.80
C GLN C 16 -11.97 -12.73 16.42
N ALA C 17 -11.70 -13.88 15.81
CA ALA C 17 -12.23 -14.17 14.49
C ALA C 17 -13.76 -14.16 14.48
N ALA C 18 -14.35 -14.61 15.59
CA ALA C 18 -15.81 -14.69 15.69
C ALA C 18 -16.44 -13.30 15.70
N ILE C 19 -15.85 -12.39 16.45
CA ILE C 19 -16.36 -11.02 16.50
C ILE C 19 -16.08 -10.28 15.20
N ALA C 20 -14.89 -10.51 14.64
CA ALA C 20 -14.49 -9.88 13.39
C ALA C 20 -15.50 -10.13 12.27
N ALA C 21 -15.94 -11.38 12.16
CA ALA C 21 -16.91 -11.76 11.13
C ALA C 21 -18.18 -10.90 11.19
N PHE C 22 -18.53 -10.43 12.39
CA PHE C 22 -19.72 -9.61 12.56
C PHE C 22 -19.39 -8.16 12.88
N THR C 23 -18.26 -7.69 12.34
CA THR C 23 -17.87 -6.30 12.49
C THR C 23 -17.49 -5.68 11.13
N TYR C 24 -18.50 -5.12 10.47
CA TYR C 24 -18.32 -4.46 9.18
C TYR C 24 -19.45 -3.46 8.96
N ASN C 25 -19.55 -2.91 7.77
CA ASN C 25 -20.64 -1.99 7.47
C ASN C 25 -20.77 -1.75 5.98
N PHE C 26 -21.82 -1.04 5.60
CA PHE C 26 -22.19 -0.88 4.20
C PHE C 26 -21.13 -0.20 3.35
N VAL C 27 -20.11 0.34 4.02
CA VAL C 27 -19.05 1.09 3.33
C VAL C 27 -17.81 0.23 3.09
N ASN C 28 -17.42 -0.55 4.09
CA ASN C 28 -16.14 -1.24 4.04
C ASN C 28 -16.25 -2.76 3.98
N TYR C 29 -17.48 -3.27 3.91
CA TYR C 29 -17.70 -4.71 3.97
C TYR C 29 -16.68 -5.52 3.16
N ARG C 30 -16.24 -5.00 2.01
CA ARG C 30 -15.29 -5.73 1.17
C ARG C 30 -13.86 -5.76 1.73
N ASP C 31 -13.41 -4.65 2.32
CA ASP C 31 -12.09 -4.59 2.94
C ASP C 31 -12.05 -5.45 4.20
N GLU C 32 -13.12 -5.38 4.99
CA GLU C 32 -13.22 -6.15 6.22
C GLU C 32 -13.36 -7.64 5.97
N LEU C 33 -14.15 -8.00 4.96
CA LEU C 33 -14.23 -9.38 4.47
C LEU C 33 -12.83 -9.90 4.16
N GLN C 34 -12.15 -9.22 3.26
CA GLN C 34 -10.81 -9.60 2.82
CA GLN C 34 -10.83 -9.68 2.83
C GLN C 34 -9.81 -9.68 3.97
N ALA C 35 -10.08 -8.88 5.01
CA ALA C 35 -9.17 -8.79 6.15
C ALA C 35 -9.07 -10.10 6.93
N SER C 36 -10.19 -10.79 7.07
CA SER C 36 -10.22 -11.99 7.89
C SER C 36 -9.94 -13.26 7.11
N SER C 37 -9.53 -13.12 5.85
CA SER C 37 -9.21 -14.30 5.05
C SER C 37 -8.07 -15.09 5.71
N GLY C 38 -7.24 -14.39 6.49
CA GLY C 38 -6.13 -15.01 7.16
C GLY C 38 -6.56 -15.93 8.30
N PHE C 39 -7.64 -15.55 8.97
CA PHE C 39 -8.22 -16.38 10.02
C PHE C 39 -8.55 -17.78 9.53
N PHE C 40 -8.76 -17.93 8.22
CA PHE C 40 -9.29 -19.19 7.68
C PHE C 40 -8.27 -20.05 6.97
N THR C 41 -8.52 -21.36 7.00
CA THR C 41 -7.72 -22.29 6.22
C THR C 41 -8.18 -22.19 4.77
N ALA C 42 -7.59 -23.02 3.92
CA ALA C 42 -7.91 -23.02 2.51
C ALA C 42 -9.40 -23.25 2.25
N GLU C 43 -9.93 -24.33 2.82
CA GLU C 43 -11.33 -24.71 2.59
C GLU C 43 -12.28 -24.00 3.53
N GLY C 44 -11.82 -23.73 4.75
CA GLY C 44 -12.62 -22.96 5.69
C GLY C 44 -13.01 -21.63 5.10
N TRP C 45 -12.09 -21.05 4.33
CA TRP C 45 -12.32 -19.79 3.64
C TRP C 45 -13.41 -19.98 2.60
N ASP C 46 -13.25 -20.98 1.74
CA ASP C 46 -14.25 -21.28 0.74
C ASP C 46 -15.61 -21.44 1.42
N GLN C 47 -15.62 -22.20 2.50
CA GLN C 47 -16.85 -22.49 3.24
C GLN C 47 -17.47 -21.21 3.81
N PHE C 48 -16.63 -20.34 4.35
CA PHE C 48 -17.09 -19.10 4.95
C PHE C 48 -17.71 -18.16 3.93
N LEU C 49 -17.05 -18.02 2.78
CA LEU C 49 -17.57 -17.21 1.68
C LEU C 49 -18.91 -17.76 1.21
N GLY C 50 -18.99 -19.08 1.16
CA GLY C 50 -20.19 -19.75 0.68
C GLY C 50 -21.42 -19.45 1.52
N ALA C 51 -21.25 -19.47 2.84
CA ALA C 51 -22.35 -19.21 3.76
C ALA C 51 -22.70 -17.73 3.80
N LEU C 52 -21.70 -16.90 3.50
CA LEU C 52 -21.89 -15.46 3.38
C LEU C 52 -22.75 -15.16 2.16
N GLU C 53 -22.58 -15.97 1.12
CA GLU C 53 -23.38 -15.89 -0.08
C GLU C 53 -24.82 -16.38 0.19
N GLN C 54 -24.94 -17.53 0.85
CA GLN C 54 -26.23 -18.11 1.18
C GLN C 54 -27.00 -17.23 2.15
N SER C 55 -26.28 -16.58 3.05
CA SER C 55 -26.89 -15.56 3.90
C SER C 55 -27.30 -14.38 3.06
N ASN C 56 -28.35 -13.69 3.49
CA ASN C 56 -28.74 -12.46 2.83
C ASN C 56 -28.47 -11.29 3.75
N ASN C 57 -27.63 -11.54 4.76
CA ASN C 57 -27.24 -10.50 5.71
C ASN C 57 -26.48 -9.36 5.04
N LEU C 58 -25.53 -9.72 4.18
CA LEU C 58 -24.76 -8.71 3.48
C LEU C 58 -25.67 -7.78 2.67
N ASP C 59 -26.62 -8.37 1.95
CA ASP C 59 -27.55 -7.61 1.12
C ASP C 59 -28.40 -6.67 1.95
N ALA C 60 -28.76 -7.10 3.15
CA ALA C 60 -29.55 -6.27 4.06
C ALA C 60 -28.73 -5.05 4.52
N VAL C 61 -27.48 -5.28 4.88
CA VAL C 61 -26.61 -4.20 5.35
C VAL C 61 -26.39 -3.16 4.26
N LYS C 62 -26.01 -3.63 3.07
CA LYS C 62 -25.81 -2.74 1.94
C LYS C 62 -27.08 -1.93 1.68
N ALA C 63 -28.21 -2.63 1.59
CA ALA C 63 -29.51 -2.03 1.29
C ALA C 63 -29.94 -0.96 2.31
N LYS C 64 -30.08 -1.39 3.57
CA LYS C 64 -30.50 -0.48 4.63
C LYS C 64 -29.33 0.35 5.19
N LYS C 65 -28.19 0.28 4.51
CA LYS C 65 -26.98 1.01 4.90
C LYS C 65 -26.71 0.92 6.41
N LEU C 66 -26.26 -0.26 6.85
CA LEU C 66 -26.13 -0.54 8.28
C LEU C 66 -24.67 -0.67 8.74
N VAL C 67 -24.47 -0.54 10.04
CA VAL C 67 -23.19 -0.86 10.67
C VAL C 67 -23.38 -2.07 11.59
N VAL C 68 -22.62 -3.12 11.35
CA VAL C 68 -22.72 -4.33 12.15
C VAL C 68 -21.64 -4.41 13.23
N SER C 69 -22.06 -4.73 14.44
CA SER C 69 -21.12 -4.94 15.54
C SER C 69 -21.50 -6.23 16.26
N ALA C 70 -20.62 -6.70 17.15
CA ALA C 70 -20.91 -7.89 17.93
C ALA C 70 -20.13 -7.91 19.23
N VAL C 71 -20.66 -8.59 20.23
CA VAL C 71 -19.95 -8.82 21.49
C VAL C 71 -20.25 -10.23 21.98
N ALA C 72 -19.25 -10.87 22.57
CA ALA C 72 -19.42 -12.21 23.12
C ALA C 72 -20.39 -12.15 24.30
N THR C 73 -21.45 -12.95 24.24
CA THR C 73 -22.41 -12.99 25.33
C THR C 73 -22.09 -14.10 26.34
N ARG C 74 -20.92 -14.70 26.19
CA ARG C 74 -20.40 -15.70 27.13
C ARG C 74 -19.03 -16.22 26.68
N ALA C 75 -18.25 -16.72 27.62
CA ALA C 75 -16.90 -17.18 27.30
C ALA C 75 -16.93 -18.34 26.31
N PRO C 76 -15.98 -18.36 25.37
CA PRO C 76 -15.83 -19.42 24.37
C PRO C 76 -15.34 -20.71 25.02
N ILE C 77 -15.93 -21.84 24.64
CA ILE C 77 -15.55 -23.13 25.21
C ILE C 77 -15.06 -24.10 24.15
N ILE C 78 -14.28 -25.11 24.56
CA ILE C 78 -13.82 -26.13 23.64
C ILE C 78 -14.69 -27.37 23.76
N LEU C 79 -15.71 -27.47 22.92
CA LEU C 79 -16.60 -28.62 22.92
C LEU C 79 -15.83 -29.93 22.81
N GLN C 80 -14.74 -29.91 22.05
CA GLN C 80 -13.96 -31.13 21.83
C GLN C 80 -12.65 -30.80 21.12
N LYS C 81 -11.58 -31.47 21.52
CA LYS C 81 -10.28 -31.30 20.87
C LYS C 81 -9.61 -32.65 20.67
N GLY C 82 -8.63 -32.67 19.77
CA GLY C 82 -7.93 -33.91 19.45
C GLY C 82 -7.51 -33.97 18.00
N VAL C 83 -7.09 -35.16 17.57
CA VAL C 83 -6.62 -35.35 16.20
C VAL C 83 -7.76 -35.63 15.23
N LEU C 84 -7.90 -34.76 14.23
CA LEU C 84 -8.89 -34.94 13.18
C LEU C 84 -8.21 -34.92 11.82
N ASN C 85 -8.14 -36.10 11.21
CA ASN C 85 -7.49 -36.27 9.90
C ASN C 85 -6.10 -35.66 9.89
N GLY C 86 -5.21 -36.22 10.71
CA GLY C 86 -3.82 -35.81 10.76
C GLY C 86 -3.57 -34.41 11.30
N ARG C 87 -4.64 -33.71 11.63
CA ARG C 87 -4.52 -32.33 12.12
C ARG C 87 -5.19 -32.17 13.48
N TYR C 88 -4.45 -31.59 14.41
CA TYR C 88 -5.02 -31.32 15.72
C TYR C 88 -6.07 -30.21 15.62
N SER C 89 -7.28 -30.49 16.11
CA SER C 89 -8.41 -29.61 15.92
C SER C 89 -9.09 -29.18 17.22
N TRP C 90 -9.91 -28.13 17.14
CA TRP C 90 -10.69 -27.65 18.27
C TRP C 90 -12.11 -27.27 17.82
N ARG C 91 -13.13 -27.88 18.42
CA ARG C 91 -14.50 -27.38 18.22
C ARG C 91 -14.72 -26.30 19.26
N VAL C 92 -14.64 -25.05 18.82
CA VAL C 92 -14.84 -23.93 19.72
C VAL C 92 -16.22 -23.34 19.50
N GLN C 93 -16.92 -23.06 20.58
CA GLN C 93 -18.26 -22.53 20.49
C GLN C 93 -18.40 -21.28 21.34
N PRO C 95 -21.41 -17.97 22.16
CA PRO C 95 -22.63 -17.21 21.89
C PRO C 95 -22.28 -15.73 21.74
N ILE C 96 -23.02 -15.01 20.90
CA ILE C 96 -22.75 -13.60 20.68
C ILE C 96 -24.02 -12.78 20.48
N LEU C 97 -23.88 -11.48 20.68
CA LEU C 97 -24.96 -10.54 20.49
C LEU C 97 -24.62 -9.57 19.35
N VAL C 98 -25.16 -9.86 18.18
CA VAL C 98 -24.90 -9.05 16.99
C VAL C 98 -25.91 -7.91 16.88
N THR C 99 -25.38 -6.71 16.66
CA THR C 99 -26.22 -5.52 16.55
C THR C 99 -26.16 -4.93 15.14
N TYR C 100 -27.29 -4.99 14.44
CA TYR C 100 -27.42 -4.35 13.13
C TYR C 100 -28.14 -3.02 13.31
N GLN C 101 -27.52 -1.92 12.88
CA GLN C 101 -28.14 -0.62 13.09
C GLN C 101 -27.74 0.45 12.08
N SER C 102 -28.55 1.50 12.03
CA SER C 102 -28.24 2.69 11.26
C SER C 102 -28.84 3.86 12.01
N ALA C 103 -28.89 5.01 11.35
CA ALA C 103 -29.45 6.22 11.97
C ALA C 103 -30.94 6.06 12.23
N SER C 104 -31.60 5.23 11.42
CA SER C 104 -33.05 5.11 11.46
C SER C 104 -33.52 3.69 11.77
N GLU C 105 -32.58 2.80 12.05
CA GLU C 105 -32.91 1.40 12.31
C GLU C 105 -31.95 0.78 13.33
N PHE C 106 -32.46 -0.15 14.14
CA PHE C 106 -31.66 -0.78 15.19
C PHE C 106 -32.22 -2.14 15.58
N THR C 107 -31.51 -3.20 15.23
CA THR C 107 -31.99 -4.56 15.50
C THR C 107 -30.85 -5.43 16.05
N GLN C 108 -31.18 -6.37 16.93
CA GLN C 108 -30.18 -7.27 17.49
C GLN C 108 -30.52 -8.74 17.31
N GLN C 109 -29.48 -9.57 17.28
CA GLN C 109 -29.65 -11.01 17.16
C GLN C 109 -28.77 -11.71 18.18
N ASN C 110 -29.23 -12.86 18.68
CA ASN C 110 -28.42 -13.70 19.55
C ASN C 110 -28.07 -14.99 18.85
N ASN C 111 -26.81 -15.10 18.41
CA ASN C 111 -26.40 -16.27 17.64
C ASN C 111 -25.39 -17.12 18.37
N VAL C 112 -25.13 -18.31 17.83
CA VAL C 112 -24.08 -19.17 18.35
C VAL C 112 -23.12 -19.53 17.24
N VAL C 113 -21.86 -19.13 17.40
CA VAL C 113 -20.83 -19.42 16.42
C VAL C 113 -20.04 -20.65 16.83
N THR C 114 -20.05 -21.67 15.98
CA THR C 114 -19.31 -22.88 16.25
C THR C 114 -18.27 -23.12 15.17
N LEU C 116 -14.63 -24.94 13.68
CA LEU C 116 -13.67 -26.02 13.74
C LEU C 116 -12.31 -25.45 13.37
N ILE C 117 -11.40 -25.40 14.34
CA ILE C 117 -10.07 -24.86 14.10
C ILE C 117 -9.04 -26.00 14.02
N THR C 118 -8.24 -26.00 12.97
CA THR C 118 -7.24 -27.05 12.77
C THR C 118 -5.84 -26.46 12.70
N ARG C 119 -4.83 -27.31 12.84
CA ARG C 119 -3.44 -26.87 12.74
C ARG C 119 -2.99 -26.89 11.29
N VAL C 120 -2.19 -25.89 10.92
CA VAL C 120 -1.66 -25.77 9.56
C VAL C 120 -0.27 -25.14 9.58
N SER C 121 0.47 -25.35 8.49
CA SER C 121 1.80 -24.75 8.34
C SER C 121 1.83 -23.27 8.72
N THR C 122 2.93 -22.84 9.34
CA THR C 122 3.11 -21.44 9.70
C THR C 122 3.61 -20.63 8.50
N LEU C 123 4.10 -21.34 7.48
CA LEU C 123 4.61 -20.72 6.26
C LEU C 123 3.51 -20.01 5.50
N ASN C 124 2.26 -20.27 5.90
CA ASN C 124 1.09 -19.68 5.26
C ASN C 124 0.19 -18.93 6.25
N SER C 125 -0.08 -19.54 7.40
CA SER C 125 -0.78 -18.85 8.49
C SER C 125 0.21 -18.56 9.62
N PRO C 126 0.55 -17.28 9.80
CA PRO C 126 1.59 -16.80 10.72
C PRO C 126 1.52 -17.42 12.13
N ARG C 127 0.32 -17.67 12.64
CA ARG C 127 0.17 -18.20 14.00
C ARG C 127 0.07 -19.73 14.03
N GLY C 128 -0.06 -20.35 12.87
CA GLY C 128 -0.02 -21.80 12.78
C GLY C 128 -1.38 -22.49 12.78
N ILE C 129 -2.43 -21.76 13.15
CA ILE C 129 -3.77 -22.32 13.17
C ILE C 129 -4.74 -21.60 12.25
N GLY C 130 -5.76 -22.32 11.80
CA GLY C 130 -6.77 -21.76 10.92
C GLY C 130 -8.16 -22.32 11.18
N ILE C 131 -9.17 -21.54 10.82
CA ILE C 131 -10.55 -21.99 10.91
C ILE C 131 -10.93 -22.74 9.65
N SER C 132 -11.36 -23.99 9.81
CA SER C 132 -11.73 -24.83 8.68
C SER C 132 -13.24 -24.87 8.46
N GLN C 133 -13.99 -24.43 9.46
CA GLN C 133 -15.44 -24.43 9.35
C GLN C 133 -16.05 -23.40 10.31
N PHE C 134 -16.77 -22.44 9.74
CA PHE C 134 -17.42 -21.37 10.49
C PHE C 134 -18.93 -21.55 10.37
N VAL C 135 -19.63 -21.60 11.49
CA VAL C 135 -21.05 -21.94 11.47
C VAL C 135 -21.88 -21.14 12.47
N VAL C 136 -22.90 -20.48 11.97
CA VAL C 136 -23.75 -19.64 12.80
C VAL C 136 -25.16 -20.20 12.98
N GLY C 137 -25.74 -19.98 14.16
CA GLY C 137 -27.10 -20.39 14.44
C GLY C 137 -27.67 -19.59 15.60
N PRO C 138 -29.00 -19.65 15.82
CA PRO C 138 -29.66 -18.94 16.92
C PRO C 138 -29.34 -19.56 18.29
N ALA C 139 -29.43 -18.76 19.35
CA ALA C 139 -29.01 -19.20 20.68
C ALA C 139 -29.85 -20.34 21.25
N SER C 140 -30.96 -20.66 20.58
CA SER C 140 -31.84 -21.75 21.01
C SER C 140 -31.21 -23.11 20.75
N GLN D 5 4.62 -16.35 3.93
CA GLN D 5 3.84 -15.21 3.49
C GLN D 5 2.39 -15.33 3.94
N SER D 6 1.84 -14.23 4.45
CA SER D 6 0.46 -14.22 4.92
C SER D 6 -0.48 -13.82 3.78
N ASP D 7 -1.78 -13.89 4.06
CA ASP D 7 -2.79 -13.51 3.08
C ASP D 7 -2.71 -12.04 2.73
N SER D 8 -2.85 -11.17 3.73
CA SER D 8 -2.83 -9.72 3.49
C SER D 8 -1.48 -9.24 2.94
N ALA D 9 -0.51 -10.14 2.92
CA ALA D 9 0.79 -9.84 2.33
C ALA D 9 0.79 -10.19 0.85
N VAL D 10 0.14 -11.31 0.52
CA VAL D 10 -0.05 -11.68 -0.88
C VAL D 10 -1.03 -10.70 -1.54
N LEU D 11 -1.96 -10.18 -0.75
CA LEU D 11 -2.96 -9.25 -1.26
C LEU D 11 -2.32 -7.91 -1.66
N GLN D 12 -1.35 -7.46 -0.87
CA GLN D 12 -0.70 -6.18 -1.14
C GLN D 12 0.36 -6.33 -2.21
N TRP D 13 0.88 -7.55 -2.35
CA TRP D 13 1.81 -7.83 -3.43
C TRP D 13 1.07 -7.77 -4.76
N ALA D 14 0.07 -8.64 -4.91
CA ALA D 14 -0.79 -8.68 -6.09
C ALA D 14 -1.28 -7.28 -6.49
N ASN D 15 -1.61 -6.47 -5.50
CA ASN D 15 -2.06 -5.12 -5.77
C ASN D 15 -1.00 -4.34 -6.54
N GLN D 16 0.24 -4.40 -6.05
CA GLN D 16 1.35 -3.70 -6.69
C GLN D 16 1.58 -4.19 -8.11
N ALA D 17 1.48 -5.51 -8.30
CA ALA D 17 1.75 -6.11 -9.60
C ALA D 17 0.74 -5.62 -10.64
N ALA D 18 -0.54 -5.68 -10.32
CA ALA D 18 -1.59 -5.25 -11.24
C ALA D 18 -1.38 -3.81 -11.69
N ILE D 19 -1.26 -2.90 -10.73
CA ILE D 19 -1.01 -1.49 -11.05
C ILE D 19 0.24 -1.32 -11.91
N ALA D 20 1.33 -1.98 -11.52
CA ALA D 20 2.60 -1.87 -12.23
C ALA D 20 2.48 -2.29 -13.69
N ALA D 21 1.70 -3.33 -13.92
CA ALA D 21 1.49 -3.86 -15.27
C ALA D 21 0.71 -2.88 -16.15
N PHE D 22 0.21 -1.80 -15.54
CA PHE D 22 -0.48 -0.75 -16.27
C PHE D 22 0.12 0.61 -15.97
N THR D 23 1.41 0.62 -15.66
CA THR D 23 2.15 1.86 -15.55
C THR D 23 3.39 1.80 -16.44
N TYR D 24 3.27 2.40 -17.63
CA TYR D 24 4.35 2.49 -18.60
C TYR D 24 3.92 3.50 -19.65
N ASN D 25 4.84 3.86 -20.54
CA ASN D 25 4.51 4.76 -21.64
C ASN D 25 5.24 4.41 -22.92
N PHE D 26 5.00 5.23 -23.95
CA PHE D 26 5.55 4.98 -25.28
C PHE D 26 7.07 5.04 -25.32
N VAL D 27 7.68 5.52 -24.23
CA VAL D 27 9.14 5.65 -24.17
C VAL D 27 9.78 4.46 -23.45
N ASN D 28 9.28 4.14 -22.26
CA ASN D 28 9.92 3.16 -21.37
C ASN D 28 9.21 1.82 -21.26
N TYR D 29 8.41 1.47 -22.26
CA TYR D 29 7.65 0.22 -22.19
C TYR D 29 8.55 -0.99 -22.01
N ARG D 30 9.58 -1.12 -22.85
CA ARG D 30 10.49 -2.26 -22.78
C ARG D 30 11.21 -2.33 -21.45
N ASP D 31 11.55 -1.17 -20.89
CA ASP D 31 12.14 -1.08 -19.57
C ASP D 31 11.18 -1.55 -18.49
N GLU D 32 10.02 -0.88 -18.42
CA GLU D 32 9.01 -1.15 -17.41
C GLU D 32 8.48 -2.58 -17.48
N LEU D 33 8.33 -3.10 -18.68
CA LEU D 33 8.00 -4.51 -18.92
C LEU D 33 9.01 -5.43 -18.24
N GLN D 34 10.25 -5.35 -18.70
CA GLN D 34 11.36 -6.18 -18.20
CA GLN D 34 11.29 -6.24 -18.18
C GLN D 34 11.51 -6.07 -16.68
N ALA D 35 11.21 -4.89 -16.15
CA ALA D 35 11.36 -4.64 -14.72
C ALA D 35 10.46 -5.54 -13.88
N SER D 36 9.27 -5.82 -14.39
CA SER D 36 8.30 -6.62 -13.63
C SER D 36 8.29 -8.11 -13.99
N SER D 37 9.44 -8.64 -14.39
CA SER D 37 9.50 -10.06 -14.75
C SER D 37 9.66 -10.95 -13.53
N GLY D 38 10.16 -10.38 -12.44
CA GLY D 38 10.29 -11.11 -11.19
C GLY D 38 8.95 -11.32 -10.52
N PHE D 39 7.99 -10.47 -10.88
CA PHE D 39 6.62 -10.62 -10.41
C PHE D 39 6.01 -11.94 -10.87
N PHE D 40 6.69 -12.62 -11.79
CA PHE D 40 6.10 -13.78 -12.46
C PHE D 40 6.88 -15.08 -12.28
N THR D 41 6.15 -16.19 -12.33
CA THR D 41 6.74 -17.51 -12.35
C THR D 41 7.13 -17.84 -13.79
N ALA D 42 7.78 -18.99 -13.97
CA ALA D 42 8.29 -19.38 -15.29
C ALA D 42 7.26 -19.25 -16.40
N GLU D 43 6.06 -19.75 -16.12
CA GLU D 43 4.99 -19.82 -17.12
C GLU D 43 4.05 -18.63 -17.03
N GLY D 44 3.94 -18.07 -15.83
CA GLY D 44 3.16 -16.86 -15.64
C GLY D 44 3.75 -15.76 -16.51
N TRP D 45 5.06 -15.84 -16.70
CA TRP D 45 5.78 -14.88 -17.54
C TRP D 45 5.49 -15.13 -19.01
N ASP D 46 5.55 -16.38 -19.43
CA ASP D 46 5.23 -16.74 -20.81
C ASP D 46 3.79 -16.33 -21.11
N GLN D 47 2.86 -16.80 -20.28
CA GLN D 47 1.44 -16.51 -20.43
C GLN D 47 1.17 -15.01 -20.51
N PHE D 48 1.84 -14.25 -19.65
CA PHE D 48 1.66 -12.81 -19.57
C PHE D 48 2.14 -12.10 -20.83
N LEU D 49 3.32 -12.48 -21.31
CA LEU D 49 3.87 -11.91 -22.55
C LEU D 49 2.94 -12.21 -23.73
N GLY D 50 2.38 -13.41 -23.74
CA GLY D 50 1.46 -13.82 -24.78
C GLY D 50 0.20 -12.96 -24.81
N ALA D 51 -0.35 -12.67 -23.64
CA ALA D 51 -1.53 -11.82 -23.54
C ALA D 51 -1.19 -10.40 -23.97
N LEU D 52 0.09 -10.05 -23.86
CA LEU D 52 0.58 -8.75 -24.28
C LEU D 52 0.66 -8.68 -25.80
N GLU D 53 1.20 -9.75 -26.39
CA GLU D 53 1.25 -9.90 -27.84
C GLU D 53 -0.15 -9.83 -28.44
N GLN D 54 -1.09 -10.58 -27.85
CA GLN D 54 -2.47 -10.62 -28.31
C GLN D 54 -3.21 -9.31 -28.07
N SER D 55 -2.91 -8.65 -26.96
CA SER D 55 -3.39 -7.31 -26.72
C SER D 55 -2.77 -6.36 -27.74
N ASN D 56 -3.61 -5.53 -28.35
CA ASN D 56 -3.11 -4.52 -29.26
C ASN D 56 -3.02 -3.18 -28.54
N ASN D 57 -3.00 -3.26 -27.21
CA ASN D 57 -2.90 -2.08 -26.37
C ASN D 57 -1.54 -1.43 -26.47
N LEU D 58 -0.50 -2.23 -26.33
CA LEU D 58 0.86 -1.73 -26.48
C LEU D 58 1.00 -1.00 -27.83
N ASP D 59 0.49 -1.61 -28.89
CA ASP D 59 0.53 -1.03 -30.22
C ASP D 59 -0.07 0.37 -30.24
N ALA D 60 -1.16 0.54 -29.51
CA ALA D 60 -1.86 1.83 -29.44
C ALA D 60 -1.08 2.86 -28.65
N VAL D 61 -0.30 2.41 -27.67
CA VAL D 61 0.47 3.32 -26.82
C VAL D 61 1.71 3.85 -27.55
N LYS D 62 2.41 2.97 -28.24
CA LYS D 62 3.57 3.39 -29.03
C LYS D 62 3.09 4.21 -30.22
N ALA D 63 1.90 3.88 -30.71
CA ALA D 63 1.31 4.58 -31.86
C ALA D 63 0.93 6.01 -31.51
N LYS D 64 0.04 6.17 -30.54
CA LYS D 64 -0.49 7.48 -30.19
C LYS D 64 0.44 8.22 -29.23
N LYS D 65 1.56 7.59 -28.91
CA LYS D 65 2.51 8.12 -27.92
C LYS D 65 1.84 8.50 -26.60
N LEU D 66 1.34 7.48 -25.90
CA LEU D 66 0.54 7.68 -24.70
C LEU D 66 1.30 7.31 -23.43
N VAL D 67 0.78 7.78 -22.31
CA VAL D 67 1.29 7.41 -21.00
C VAL D 67 0.19 6.66 -20.27
N VAL D 68 0.44 5.39 -19.98
CA VAL D 68 -0.53 4.57 -19.26
C VAL D 68 -0.32 4.66 -17.75
N SER D 69 -1.42 4.56 -17.00
CA SER D 69 -1.39 4.69 -15.54
C SER D 69 -2.68 4.10 -14.94
N ALA D 70 -2.55 3.34 -13.87
CA ALA D 70 -3.72 2.70 -13.29
C ALA D 70 -3.90 2.93 -11.78
N VAL D 71 -5.14 2.83 -11.32
CA VAL D 71 -5.47 2.91 -9.90
C VAL D 71 -6.50 1.84 -9.57
N ALA D 72 -6.60 1.47 -8.30
CA ALA D 72 -7.54 0.43 -7.89
C ALA D 72 -8.96 0.97 -7.71
N THR D 73 -9.91 0.36 -8.40
CA THR D 73 -11.31 0.72 -8.26
C THR D 73 -11.83 0.29 -6.88
N ARG D 74 -11.37 -0.87 -6.41
CA ARG D 74 -11.73 -1.40 -5.09
C ARG D 74 -10.62 -2.25 -4.51
N ALA D 75 -10.87 -2.86 -3.35
CA ALA D 75 -9.83 -3.63 -2.68
C ALA D 75 -9.64 -5.01 -3.31
N PRO D 76 -8.40 -5.52 -3.26
CA PRO D 76 -8.09 -6.86 -3.78
C PRO D 76 -8.69 -7.93 -2.88
N ILE D 77 -9.23 -8.97 -3.48
CA ILE D 77 -9.83 -10.08 -2.74
C ILE D 77 -9.22 -11.41 -3.16
N ILE D 78 -9.29 -12.39 -2.27
CA ILE D 78 -8.82 -13.74 -2.56
C ILE D 78 -10.03 -14.62 -2.84
N LEU D 79 -10.37 -14.78 -4.12
CA LEU D 79 -11.51 -15.62 -4.52
C LEU D 79 -11.41 -17.02 -3.92
N GLN D 80 -10.20 -17.55 -3.89
CA GLN D 80 -9.96 -18.87 -3.34
C GLN D 80 -8.48 -19.04 -3.06
N LYS D 81 -8.15 -19.92 -2.12
CA LYS D 81 -6.76 -20.22 -1.82
C LYS D 81 -6.65 -21.68 -1.42
N GLY D 82 -5.42 -22.18 -1.38
CA GLY D 82 -5.17 -23.57 -1.04
C GLY D 82 -4.20 -24.21 -2.02
N VAL D 83 -3.88 -25.49 -1.79
CA VAL D 83 -2.91 -26.18 -2.63
C VAL D 83 -3.47 -26.50 -4.02
N LEU D 84 -2.77 -26.02 -5.05
CA LEU D 84 -3.10 -26.36 -6.43
C LEU D 84 -1.87 -26.88 -7.13
N ASN D 85 -1.87 -28.18 -7.44
CA ASN D 85 -0.75 -28.84 -8.07
C ASN D 85 0.52 -28.71 -7.24
N GLY D 86 0.43 -29.11 -5.97
CA GLY D 86 1.57 -29.18 -5.08
C GLY D 86 2.00 -27.86 -4.48
N ARG D 87 1.60 -26.76 -5.12
CA ARG D 87 1.98 -25.43 -4.65
C ARG D 87 0.78 -24.66 -4.10
N TYR D 88 0.95 -24.06 -2.93
CA TYR D 88 -0.11 -23.26 -2.34
C TYR D 88 -0.35 -22.03 -3.20
N SER D 89 -1.61 -21.80 -3.57
CA SER D 89 -1.95 -20.72 -4.47
C SER D 89 -3.08 -19.85 -3.93
N TRP D 90 -3.11 -18.60 -4.40
CA TRP D 90 -4.20 -17.70 -4.14
C TRP D 90 -4.72 -17.22 -5.48
N ARG D 91 -6.04 -17.24 -5.68
CA ARG D 91 -6.59 -16.57 -6.84
C ARG D 91 -7.10 -15.20 -6.41
N VAL D 92 -6.29 -14.19 -6.66
CA VAL D 92 -6.56 -12.83 -6.23
C VAL D 92 -7.20 -12.02 -7.34
N GLN D 93 -8.13 -11.14 -6.97
CA GLN D 93 -8.85 -10.35 -7.95
C GLN D 93 -8.98 -8.89 -7.53
N PRO D 95 -10.51 -4.94 -9.26
CA PRO D 95 -10.96 -3.98 -10.28
C PRO D 95 -10.03 -2.78 -10.30
N ILE D 96 -9.71 -2.29 -11.50
CA ILE D 96 -8.82 -1.15 -11.64
C ILE D 96 -9.38 -0.13 -12.61
N LEU D 97 -8.72 1.02 -12.69
CA LEU D 97 -9.11 2.08 -13.62
C LEU D 97 -7.89 2.58 -14.38
N VAL D 98 -7.72 2.08 -15.59
CA VAL D 98 -6.56 2.41 -16.39
C VAL D 98 -6.79 3.73 -17.12
N THR D 99 -5.72 4.50 -17.30
CA THR D 99 -5.80 5.79 -18.00
C THR D 99 -4.72 5.92 -19.07
N TYR D 100 -5.16 5.87 -20.32
CA TYR D 100 -4.26 6.12 -21.46
C TYR D 100 -4.42 7.58 -21.86
N GLN D 101 -3.32 8.29 -22.03
CA GLN D 101 -3.42 9.70 -22.38
C GLN D 101 -2.17 10.34 -22.97
N SER D 102 -2.38 11.36 -23.79
CA SER D 102 -1.31 12.22 -24.26
C SER D 102 -1.75 13.67 -24.08
N ALA D 103 -1.16 14.56 -24.86
CA ALA D 103 -1.51 15.98 -24.80
C ALA D 103 -2.84 16.20 -25.51
N SER D 104 -3.18 15.28 -26.41
CA SER D 104 -4.37 15.40 -27.24
C SER D 104 -5.15 14.09 -27.25
N GLU D 105 -5.44 13.56 -26.06
CA GLU D 105 -6.09 12.26 -25.94
C GLU D 105 -6.24 11.85 -24.49
N PHE D 106 -7.42 11.33 -24.14
CA PHE D 106 -7.68 10.92 -22.76
C PHE D 106 -8.74 9.83 -22.69
N THR D 107 -8.29 8.60 -22.52
CA THR D 107 -9.17 7.46 -22.47
C THR D 107 -9.06 6.74 -21.13
N GLN D 108 -10.16 6.19 -20.64
CA GLN D 108 -10.11 5.38 -19.42
C GLN D 108 -10.76 4.02 -19.65
N GLN D 109 -10.58 3.11 -18.68
CA GLN D 109 -11.11 1.76 -18.79
C GLN D 109 -11.22 1.12 -17.41
N ASN D 110 -12.36 0.53 -17.14
CA ASN D 110 -12.55 -0.17 -15.87
C ASN D 110 -12.35 -1.67 -16.07
N ASN D 111 -11.11 -2.11 -15.90
CA ASN D 111 -10.78 -3.52 -16.06
C ASN D 111 -10.77 -4.31 -14.75
N VAL D 112 -10.88 -5.63 -14.88
CA VAL D 112 -10.80 -6.51 -13.72
C VAL D 112 -9.66 -7.51 -13.88
N VAL D 113 -8.63 -7.34 -13.06
CA VAL D 113 -7.46 -8.19 -13.11
C VAL D 113 -7.58 -9.38 -12.15
N THR D 114 -7.47 -10.59 -12.69
CA THR D 114 -7.52 -11.79 -11.86
C THR D 114 -6.23 -12.59 -11.99
N LEU D 116 -3.54 -15.70 -10.69
CA LEU D 116 -3.25 -16.89 -9.91
C LEU D 116 -1.84 -16.70 -9.38
N ILE D 117 -1.72 -16.66 -8.05
CA ILE D 117 -0.43 -16.46 -7.41
C ILE D 117 -0.03 -17.70 -6.62
N THR D 118 1.07 -18.32 -7.01
CA THR D 118 1.53 -19.54 -6.35
C THR D 118 2.88 -19.34 -5.69
N ARG D 119 3.11 -20.11 -4.63
CA ARG D 119 4.36 -20.02 -3.88
C ARG D 119 5.46 -20.73 -4.63
N VAL D 120 6.65 -20.14 -4.65
CA VAL D 120 7.77 -20.69 -5.40
C VAL D 120 9.09 -20.58 -4.66
N SER D 121 10.04 -21.45 -5.02
CA SER D 121 11.39 -21.43 -4.43
C SER D 121 11.96 -20.02 -4.40
N THR D 122 12.60 -19.66 -3.28
CA THR D 122 13.23 -18.35 -3.16
C THR D 122 14.64 -18.35 -3.76
N LEU D 123 15.02 -19.46 -4.38
CA LEU D 123 16.29 -19.58 -5.08
C LEU D 123 16.24 -18.85 -6.41
N ASN D 124 15.02 -18.56 -6.87
CA ASN D 124 14.83 -17.89 -8.14
C ASN D 124 13.83 -16.73 -8.04
N SER D 125 13.11 -16.68 -6.93
CA SER D 125 12.19 -15.59 -6.64
C SER D 125 12.31 -15.16 -5.18
N PRO D 126 13.03 -14.06 -4.92
CA PRO D 126 13.33 -13.58 -3.57
C PRO D 126 12.09 -13.44 -2.68
N ARG D 127 10.99 -12.93 -3.24
CA ARG D 127 9.76 -12.73 -2.48
C ARG D 127 9.13 -14.06 -2.01
N GLY D 128 9.30 -15.11 -2.82
CA GLY D 128 8.78 -16.42 -2.48
C GLY D 128 7.51 -16.79 -3.23
N ILE D 129 6.80 -15.77 -3.72
CA ILE D 129 5.58 -15.97 -4.50
C ILE D 129 5.71 -15.40 -5.91
N GLY D 130 4.98 -15.99 -6.84
CA GLY D 130 4.96 -15.51 -8.21
C GLY D 130 3.59 -15.60 -8.85
N ILE D 131 3.36 -14.76 -9.86
CA ILE D 131 2.12 -14.78 -10.64
C ILE D 131 2.19 -15.87 -11.72
N SER D 132 1.31 -16.86 -11.62
CA SER D 132 1.28 -17.96 -12.58
C SER D 132 0.34 -17.67 -13.75
N GLN D 133 -0.62 -16.78 -13.51
CA GLN D 133 -1.57 -16.41 -14.55
C GLN D 133 -2.14 -15.02 -14.31
N PHE D 134 -2.14 -14.20 -15.35
CA PHE D 134 -2.55 -12.80 -15.26
C PHE D 134 -3.63 -12.55 -16.30
N VAL D 135 -4.88 -12.45 -15.86
CA VAL D 135 -6.00 -12.29 -16.80
C VAL D 135 -6.77 -10.99 -16.61
N VAL D 136 -7.02 -10.27 -17.71
CA VAL D 136 -7.77 -9.03 -17.64
C VAL D 136 -9.07 -9.08 -18.45
N GLY D 137 -10.10 -8.38 -17.97
CA GLY D 137 -11.38 -8.28 -18.65
C GLY D 137 -12.10 -6.98 -18.29
N PRO D 138 -13.36 -6.84 -18.72
CA PRO D 138 -14.16 -5.65 -18.41
C PRO D 138 -15.05 -5.84 -17.18
N ALA D 139 -15.28 -4.76 -16.43
CA ALA D 139 -16.08 -4.84 -15.21
C ALA D 139 -17.58 -4.87 -15.52
#